data_5VON
#
_entry.id   5VON
#
_cell.length_a   55.186
_cell.length_b   55.186
_cell.length_c   197.113
_cell.angle_alpha   90.00
_cell.angle_beta   90.00
_cell.angle_gamma   90.00
#
_symmetry.space_group_name_H-M   'P 43 21 2'
#
loop_
_entity.id
_entity.type
_entity.pdbx_description
1 polymer '5-methyltetrahydrofolate homocysteine S-methyltransferase'
2 non-polymer GLYCEROL
3 water water
#
_entity_poly.entity_id   1
_entity_poly.type   'polypeptide(L)'
_entity_poly.pdbx_seq_one_letter_code
;VASLYQAVSLKQEASLFLVGERLNATGSKRFREMLFARDLEGILALAREQVEEGAHALDLSVAWTGRDELEDLRWLLPHL
ATALTVPVMVDSTSPEAMELALKYLPGRVLLNSANLEDGLERFDRVASLAKAHGAALVVLAIDEKGMAKTREEKVRVALR
MYERLTEHHGLRPEDLLFDLLTFPITQGDEESRPLAKETLLAMEELRERLPGVGFVLGVSNVSFGLKPRARRVLNSVFLD
EARKRGLTAAIVDAGKILPISQIPEEAYALALDLIYDRRKEGFDPLLAFMAYFEAH
;
_entity_poly.pdbx_strand_id   A
#
loop_
_chem_comp.id
_chem_comp.type
_chem_comp.name
_chem_comp.formula
GOL non-polymer GLYCEROL 'C3 H8 O3'
#
# COMPACT_ATOMS: atom_id res chain seq x y z
N SER A 15 -10.72 -5.90 -11.84
CA SER A 15 -9.64 -5.11 -12.53
C SER A 15 -8.61 -4.63 -11.51
N LEU A 16 -8.18 -5.53 -10.62
CA LEU A 16 -7.29 -5.15 -9.53
C LEU A 16 -5.84 -5.10 -9.99
N PHE A 17 -5.24 -3.92 -9.89
CA PHE A 17 -3.86 -3.69 -10.25
C PHE A 17 -3.00 -4.04 -9.04
N LEU A 18 -2.34 -5.19 -9.12
CA LEU A 18 -1.51 -5.71 -8.05
C LEU A 18 -0.09 -5.18 -8.15
N VAL A 19 0.39 -4.68 -7.02
CA VAL A 19 1.69 -4.07 -6.90
C VAL A 19 2.43 -4.94 -5.91
N GLY A 20 3.45 -5.66 -6.40
CA GLY A 20 4.23 -6.54 -5.56
C GLY A 20 4.93 -5.77 -4.45
N GLU A 21 4.77 -6.25 -3.23
CA GLU A 21 5.29 -5.56 -2.04
C GLU A 21 6.74 -5.86 -1.67
N ARG A 22 7.37 -6.84 -2.31
CA ARG A 22 8.57 -7.47 -1.72
C ARG A 22 9.92 -6.78 -1.90
N LEU A 23 10.04 -5.81 -2.80
CA LEU A 23 11.30 -5.05 -2.92
C LEU A 23 11.23 -3.81 -2.00
N ASN A 24 10.98 -4.06 -0.72
CA ASN A 24 10.81 -3.01 0.26
C ASN A 24 11.73 -3.35 1.42
N ALA A 25 12.76 -2.54 1.61
CA ALA A 25 13.74 -2.75 2.65
C ALA A 25 13.10 -2.82 4.04
N THR A 26 12.09 -1.99 4.28
CA THR A 26 11.36 -2.00 5.57
C THR A 26 10.47 -3.24 5.74
N GLY A 27 9.73 -3.60 4.70
CA GLY A 27 8.75 -4.67 4.78
C GLY A 27 9.27 -6.07 4.50
N SER A 28 10.46 -6.16 3.94
CA SER A 28 10.99 -7.44 3.44
C SER A 28 12.42 -7.73 3.92
N LYS A 29 12.53 -8.67 4.85
CA LYS A 29 13.83 -9.16 5.36
C LYS A 29 14.71 -9.69 4.24
N ARG A 30 14.13 -10.54 3.40
CA ARG A 30 14.81 -11.14 2.24
C ARG A 30 15.41 -10.07 1.34
N PHE A 31 14.64 -9.03 1.03
CA PHE A 31 15.12 -7.96 0.16
C PHE A 31 16.17 -7.09 0.84
N ARG A 32 15.97 -6.84 2.13
CA ARG A 32 16.94 -6.12 2.94
C ARG A 32 18.31 -6.83 2.93
N GLU A 33 18.30 -8.13 3.25
CA GLU A 33 19.51 -8.98 3.20
C GLU A 33 20.26 -8.85 1.89
N MET A 34 19.52 -9.01 0.79
CA MET A 34 20.10 -8.97 -0.55
C MET A 34 20.60 -7.57 -0.91
N LEU A 35 19.87 -6.53 -0.48
CA LEU A 35 20.30 -5.15 -0.76
C LEU A 35 21.60 -4.86 -0.01
N PHE A 36 21.62 -5.26 1.25
CA PHE A 36 22.85 -5.16 2.08
C PHE A 36 24.01 -5.90 1.44
N ALA A 37 23.78 -7.16 1.09
CA ALA A 37 24.81 -7.99 0.43
C ALA A 37 25.22 -7.55 -0.97
N ARG A 38 24.47 -6.63 -1.59
CA ARG A 38 24.64 -6.24 -2.99
C ARG A 38 24.49 -7.46 -3.93
N ASP A 39 23.52 -8.30 -3.58
CA ASP A 39 23.15 -9.47 -4.34
C ASP A 39 22.16 -9.01 -5.44
N LEU A 40 22.71 -8.58 -6.56
CA LEU A 40 21.91 -8.08 -7.67
C LEU A 40 21.01 -9.15 -8.27
N GLU A 41 21.54 -10.36 -8.44
CA GLU A 41 20.81 -11.43 -9.12
C GLU A 41 19.66 -11.96 -8.30
N GLY A 42 19.85 -12.05 -6.99
CA GLY A 42 18.76 -12.36 -6.07
C GLY A 42 17.63 -11.34 -6.09
N ILE A 43 17.97 -10.07 -6.19
CA ILE A 43 16.97 -8.99 -6.28
C ILE A 43 16.20 -9.08 -7.61
N LEU A 44 16.93 -9.19 -8.73
CA LEU A 44 16.27 -9.32 -10.04
C LEU A 44 15.36 -10.54 -10.13
N ALA A 45 15.77 -11.64 -9.52
CA ALA A 45 14.96 -12.87 -9.45
C ALA A 45 13.69 -12.69 -8.63
N LEU A 46 13.83 -12.05 -7.47
CA LEU A 46 12.68 -11.75 -6.63
C LEU A 46 11.72 -10.80 -7.31
N ALA A 47 12.24 -9.82 -8.06
CA ALA A 47 11.39 -8.97 -8.90
C ALA A 47 10.62 -9.81 -9.93
N ARG A 48 11.34 -10.63 -10.69
CA ARG A 48 10.72 -11.48 -11.72
C ARG A 48 9.74 -12.47 -11.09
N GLU A 49 10.04 -12.98 -9.90
CA GLU A 49 9.16 -13.96 -9.26
C GLU A 49 7.78 -13.38 -8.91
N GLN A 50 7.76 -12.14 -8.44
CA GLN A 50 6.51 -11.44 -8.12
C GLN A 50 5.67 -11.20 -9.38
N VAL A 51 6.31 -10.81 -10.48
CA VAL A 51 5.62 -10.72 -11.77
C VAL A 51 4.96 -12.06 -12.14
N GLU A 52 5.71 -13.15 -12.05
CA GLU A 52 5.18 -14.50 -12.33
C GLU A 52 4.03 -14.91 -11.40
N GLU A 53 4.08 -14.49 -10.14
CA GLU A 53 3.02 -14.78 -9.17
C GLU A 53 1.80 -13.85 -9.24
N GLY A 54 1.77 -12.95 -10.22
CA GLY A 54 0.58 -12.15 -10.54
C GLY A 54 0.72 -10.65 -10.45
N ALA A 55 1.84 -10.14 -9.95
CA ALA A 55 2.01 -8.67 -9.81
C ALA A 55 2.08 -7.97 -11.18
N HIS A 56 1.39 -6.85 -11.33
CA HIS A 56 1.44 -6.02 -12.54
C HIS A 56 2.48 -4.91 -12.45
N ALA A 57 2.98 -4.66 -11.23
CA ALA A 57 3.96 -3.62 -10.98
C ALA A 57 4.66 -3.98 -9.68
N LEU A 58 5.73 -3.26 -9.37
CA LEU A 58 6.55 -3.59 -8.22
C LEU A 58 6.79 -2.37 -7.37
N ASP A 59 6.49 -2.48 -6.08
CA ASP A 59 6.84 -1.45 -5.10
C ASP A 59 8.36 -1.53 -4.93
N LEU A 60 9.00 -0.37 -4.83
CA LEU A 60 10.42 -0.27 -4.57
C LEU A 60 10.70 0.74 -3.47
N SER A 61 11.23 0.26 -2.34
CA SER A 61 11.72 1.13 -1.26
C SER A 61 13.05 0.63 -0.72
N VAL A 62 14.11 1.41 -0.92
CA VAL A 62 15.45 1.06 -0.44
C VAL A 62 15.88 1.82 0.83
N ALA A 63 15.04 2.75 1.29
CA ALA A 63 15.40 3.60 2.44
C ALA A 63 15.55 2.76 3.70
N TRP A 64 16.64 3.02 4.43
CA TRP A 64 16.91 2.34 5.70
C TRP A 64 18.01 3.11 6.44
N THR A 65 17.82 3.29 7.75
CA THR A 65 18.86 3.65 8.73
C THR A 65 20.30 3.79 8.21
N GLY A 66 20.76 5.03 8.03
CA GLY A 66 22.17 5.31 7.72
C GLY A 66 22.57 5.38 6.25
N ARG A 67 21.86 4.64 5.40
CA ARG A 67 22.33 4.37 4.04
C ARG A 67 22.02 5.53 3.11
N ASP A 68 22.90 5.80 2.16
CA ASP A 68 22.64 6.81 1.14
C ASP A 68 21.62 6.21 0.14
N GLU A 69 20.33 6.40 0.45
CA GLU A 69 19.20 5.99 -0.41
C GLU A 69 19.47 6.27 -1.88
N LEU A 70 20.08 7.43 -2.17
CA LEU A 70 20.47 7.79 -3.53
C LEU A 70 21.60 6.92 -4.12
N GLU A 71 22.50 6.41 -3.27
CA GLU A 71 23.50 5.43 -3.72
C GLU A 71 22.83 4.10 -4.05
N ASP A 72 22.10 3.54 -3.10
CA ASP A 72 21.33 2.31 -3.30
C ASP A 72 20.46 2.35 -4.56
N LEU A 73 19.80 3.47 -4.82
CA LEU A 73 19.00 3.63 -6.02
C LEU A 73 19.87 3.73 -7.26
N ARG A 74 20.98 4.46 -7.16
CA ARG A 74 21.95 4.56 -8.27
C ARG A 74 22.60 3.18 -8.62
N TRP A 75 22.77 2.34 -7.60
CA TRP A 75 23.24 0.98 -7.81
C TRP A 75 22.15 0.08 -8.45
N LEU A 76 20.93 0.09 -7.92
CA LEU A 76 19.90 -0.89 -8.33
C LEU A 76 19.14 -0.52 -9.62
N LEU A 77 18.73 0.74 -9.75
CA LEU A 77 17.83 1.18 -10.82
C LEU A 77 18.24 0.89 -12.25
N PRO A 78 19.52 1.14 -12.61
CA PRO A 78 19.93 0.82 -13.98
C PRO A 78 19.70 -0.65 -14.35
N HIS A 79 19.87 -1.55 -13.39
CA HIS A 79 19.69 -2.99 -13.63
C HIS A 79 18.23 -3.37 -13.59
N LEU A 80 17.50 -2.81 -12.64
CA LEU A 80 16.08 -3.08 -12.49
C LEU A 80 15.30 -2.63 -13.73
N ALA A 81 15.64 -1.44 -14.23
CA ALA A 81 14.99 -0.83 -15.38
C ALA A 81 15.11 -1.63 -16.67
N THR A 82 16.22 -2.35 -16.80
CA THR A 82 16.50 -3.10 -18.02
C THR A 82 16.28 -4.62 -17.82
N ALA A 83 16.15 -5.06 -16.57
CA ALA A 83 15.78 -6.47 -16.29
C ALA A 83 14.29 -6.77 -16.55
N LEU A 84 13.42 -5.81 -16.26
CA LEU A 84 11.98 -5.97 -16.47
C LEU A 84 11.43 -4.75 -17.15
N THR A 85 10.23 -4.92 -17.70
CA THR A 85 9.45 -3.83 -18.28
C THR A 85 8.32 -3.36 -17.37
N VAL A 86 8.04 -4.05 -16.26
CA VAL A 86 6.86 -3.71 -15.46
C VAL A 86 6.98 -2.30 -14.84
N PRO A 87 5.84 -1.65 -14.57
CA PRO A 87 5.87 -0.40 -13.82
C PRO A 87 6.41 -0.58 -12.40
N VAL A 88 7.06 0.47 -11.90
CA VAL A 88 7.64 0.50 -10.55
C VAL A 88 6.97 1.60 -9.72
N MET A 89 6.45 1.24 -8.56
CA MET A 89 5.99 2.21 -7.59
C MET A 89 7.18 2.62 -6.76
N VAL A 90 7.70 3.81 -7.03
CA VAL A 90 8.84 4.36 -6.31
C VAL A 90 8.38 4.90 -4.96
N ASP A 91 8.87 4.29 -3.90
CA ASP A 91 8.33 4.45 -2.58
C ASP A 91 9.44 5.08 -1.77
N SER A 92 9.29 6.37 -1.49
CA SER A 92 10.35 7.18 -0.87
C SER A 92 9.77 8.48 -0.31
N THR A 93 10.38 8.98 0.77
CA THR A 93 10.07 10.31 1.31
C THR A 93 10.96 11.44 0.74
N SER A 94 11.96 11.09 -0.05
CA SER A 94 12.86 12.07 -0.71
C SER A 94 12.40 12.39 -2.13
N PRO A 95 12.07 13.67 -2.43
CA PRO A 95 11.74 13.99 -3.82
C PRO A 95 12.91 13.83 -4.81
N GLU A 96 14.14 13.96 -4.32
CA GLU A 96 15.33 13.74 -5.14
C GLU A 96 15.41 12.27 -5.55
N ALA A 97 15.13 11.38 -4.60
CA ALA A 97 15.07 9.95 -4.90
C ALA A 97 14.02 9.66 -5.97
N MET A 98 12.87 10.31 -5.88
CA MET A 98 11.84 10.19 -6.91
C MET A 98 12.30 10.68 -8.29
N GLU A 99 13.01 11.82 -8.31
CA GLU A 99 13.55 12.37 -9.56
C GLU A 99 14.51 11.40 -10.25
N LEU A 100 15.42 10.86 -9.45
CA LEU A 100 16.38 9.87 -9.91
C LEU A 100 15.68 8.64 -10.51
N ALA A 101 14.70 8.09 -9.80
CA ALA A 101 13.95 6.94 -10.30
C ALA A 101 13.21 7.26 -11.60
N LEU A 102 12.69 8.48 -11.70
CA LEU A 102 12.03 8.94 -12.93
C LEU A 102 12.97 9.00 -14.15
N LYS A 103 14.24 9.37 -13.93
CA LYS A 103 15.24 9.35 -15.00
C LYS A 103 15.47 7.96 -15.57
N TYR A 104 15.54 6.96 -14.70
CA TYR A 104 15.74 5.58 -15.11
C TYR A 104 14.47 4.87 -15.59
N LEU A 105 13.29 5.32 -15.17
CA LEU A 105 12.04 4.58 -15.45
C LEU A 105 10.95 5.41 -16.15
N PRO A 106 11.30 6.11 -17.24
CA PRO A 106 10.31 6.99 -17.90
C PRO A 106 9.10 6.23 -18.44
N GLY A 107 7.90 6.72 -18.13
CA GLY A 107 6.64 6.09 -18.57
C GLY A 107 6.18 4.90 -17.74
N ARG A 108 6.90 4.56 -16.66
CA ARG A 108 6.66 3.34 -15.90
C ARG A 108 6.49 3.56 -14.38
N VAL A 109 6.35 4.80 -13.93
CA VAL A 109 6.45 5.11 -12.50
C VAL A 109 5.12 5.47 -11.88
N LEU A 110 4.90 4.96 -10.68
CA LEU A 110 3.91 5.49 -9.77
C LEU A 110 4.68 6.04 -8.59
N LEU A 111 4.40 7.30 -8.24
CA LEU A 111 5.10 7.96 -7.14
C LEU A 111 4.34 7.75 -5.85
N ASN A 112 5.04 7.21 -4.86
CA ASN A 112 4.44 6.93 -3.56
C ASN A 112 5.27 7.68 -2.53
N SER A 113 4.80 8.81 -1.99
CA SER A 113 3.48 9.40 -2.23
C SER A 113 3.57 10.92 -2.17
N ALA A 114 2.54 11.58 -2.68
CA ALA A 114 2.19 12.94 -2.28
C ALA A 114 1.40 12.91 -0.97
N ASN A 115 1.92 13.59 0.04
CA ASN A 115 1.13 13.84 1.27
C ASN A 115 1.55 15.17 1.88
N LEU A 116 0.85 15.56 2.93
CA LEU A 116 0.98 16.87 3.49
C LEU A 116 1.65 16.85 4.89
N GLU A 117 2.34 15.78 5.25
CA GLU A 117 2.98 15.70 6.58
C GLU A 117 3.93 16.86 6.82
N ASP A 118 4.65 17.29 5.78
CA ASP A 118 5.63 18.39 5.87
C ASP A 118 5.12 19.70 5.28
N GLY A 119 3.81 19.82 5.07
CA GLY A 119 3.23 21.05 4.55
C GLY A 119 3.09 21.02 3.06
N LEU A 120 2.60 22.13 2.55
CA LEU A 120 2.17 22.28 1.17
C LEU A 120 3.30 22.14 0.14
N GLU A 121 4.50 22.63 0.48
CA GLU A 121 5.59 22.72 -0.49
C GLU A 121 6.12 21.37 -0.95
N ARG A 122 6.36 20.47 0.00
CA ARG A 122 6.78 19.09 -0.31
C ARG A 122 5.69 18.33 -1.08
N PHE A 123 4.43 18.51 -0.70
CA PHE A 123 3.28 17.95 -1.45
C PHE A 123 3.33 18.36 -2.91
N ASP A 124 3.47 19.68 -3.11
CA ASP A 124 3.50 20.30 -4.43
C ASP A 124 4.70 19.83 -5.25
N ARG A 125 5.84 19.67 -4.60
CA ARG A 125 7.03 19.13 -5.29
C ARG A 125 6.77 17.75 -5.90
N VAL A 126 6.09 16.88 -5.14
CA VAL A 126 5.85 15.52 -5.62
C VAL A 126 4.79 15.52 -6.71
N ALA A 127 3.72 16.27 -6.48
CA ALA A 127 2.66 16.44 -7.48
C ALA A 127 3.20 17.01 -8.78
N SER A 128 4.04 18.03 -8.70
CA SER A 128 4.69 18.61 -9.88
C SER A 128 5.46 17.58 -10.68
N LEU A 129 6.24 16.76 -9.99
CA LEU A 129 6.95 15.67 -10.66
C LEU A 129 6.01 14.73 -11.40
N ALA A 130 4.95 14.31 -10.71
CA ALA A 130 3.97 13.39 -11.30
C ALA A 130 3.36 13.97 -12.55
N LYS A 131 2.92 15.23 -12.47
CA LYS A 131 2.35 15.93 -13.60
C LYS A 131 3.34 16.06 -14.77
N ALA A 132 4.55 16.52 -14.46
CA ALA A 132 5.55 16.79 -15.50
C ALA A 132 6.05 15.52 -16.19
N HIS A 133 6.24 14.43 -15.44
CA HIS A 133 6.76 13.19 -16.02
C HIS A 133 5.68 12.21 -16.51
N GLY A 134 4.42 12.52 -16.31
CA GLY A 134 3.34 11.59 -16.64
C GLY A 134 3.25 10.37 -15.73
N ALA A 135 3.61 10.52 -14.46
CA ALA A 135 3.55 9.42 -13.52
C ALA A 135 2.19 9.41 -12.81
N ALA A 136 1.74 8.22 -12.41
CA ALA A 136 0.57 8.11 -11.53
C ALA A 136 1.02 8.47 -10.13
N LEU A 137 0.08 8.90 -9.30
CA LEU A 137 0.42 9.45 -7.98
C LEU A 137 -0.37 8.79 -6.88
N VAL A 138 0.34 8.22 -5.92
CA VAL A 138 -0.27 7.76 -4.70
C VAL A 138 -0.45 8.99 -3.81
N VAL A 139 -1.67 9.20 -3.34
CA VAL A 139 -2.05 10.33 -2.51
C VAL A 139 -2.41 9.75 -1.15
N LEU A 140 -1.57 10.01 -0.15
CA LEU A 140 -1.63 9.37 1.15
C LEU A 140 -2.25 10.28 2.18
N ALA A 141 -3.20 9.75 2.96
CA ALA A 141 -4.01 10.54 3.89
C ALA A 141 -3.32 10.90 5.24
N ILE A 142 -2.21 11.62 5.12
CA ILE A 142 -1.47 12.15 6.26
C ILE A 142 -1.26 13.63 5.93
N ASP A 143 -1.52 14.50 6.90
CA ASP A 143 -1.35 15.93 6.73
C ASP A 143 -0.55 16.49 7.91
N GLU A 144 -0.65 17.79 8.18
CA GLU A 144 0.21 18.43 9.15
C GLU A 144 -0.12 18.05 10.58
N LYS A 145 -1.32 17.51 10.80
CA LYS A 145 -1.76 17.00 12.11
C LYS A 145 -1.75 15.46 12.19
N GLY A 146 -1.15 14.80 11.21
CA GLY A 146 -0.88 13.39 11.28
C GLY A 146 -1.74 12.51 10.41
N MET A 147 -1.74 11.23 10.76
CA MET A 147 -2.46 10.21 10.00
C MET A 147 -3.96 10.33 10.25
N ALA A 148 -4.73 10.23 9.16
CA ALA A 148 -6.19 10.18 9.26
C ALA A 148 -6.62 8.78 9.70
N LYS A 149 -7.20 8.67 10.88
CA LYS A 149 -7.59 7.39 11.48
C LYS A 149 -9.07 7.08 11.37
N THR A 150 -9.92 8.09 11.54
CA THR A 150 -11.37 7.93 11.41
C THR A 150 -11.83 8.22 9.98
N ARG A 151 -13.02 7.75 9.64
CA ARG A 151 -13.55 7.99 8.29
C ARG A 151 -13.73 9.48 8.00
N GLU A 152 -14.05 10.25 9.05
CA GLU A 152 -14.27 11.68 8.93
C GLU A 152 -12.95 12.37 8.59
N GLU A 153 -11.89 12.06 9.34
CA GLU A 153 -10.53 12.56 9.05
C GLU A 153 -10.04 12.19 7.63
N LYS A 154 -10.31 10.96 7.23
CA LYS A 154 -9.91 10.46 5.91
C LYS A 154 -10.56 11.26 4.80
N VAL A 155 -11.84 11.58 4.96
CA VAL A 155 -12.56 12.38 3.98
C VAL A 155 -12.03 13.82 3.95
N ARG A 156 -11.80 14.42 5.12
CA ARG A 156 -11.36 15.80 5.20
C ARG A 156 -10.01 16.02 4.52
N VAL A 157 -9.09 15.09 4.75
CA VAL A 157 -7.74 15.16 4.20
C VAL A 157 -7.77 14.90 2.68
N ALA A 158 -8.49 13.86 2.27
CA ALA A 158 -8.61 13.49 0.85
C ALA A 158 -9.14 14.60 -0.02
N LEU A 159 -10.18 15.28 0.44
CA LEU A 159 -10.82 16.33 -0.34
C LEU A 159 -9.91 17.51 -0.57
N ARG A 160 -9.19 17.90 0.48
CA ARG A 160 -8.21 18.96 0.41
C ARG A 160 -7.11 18.65 -0.59
N MET A 161 -6.60 17.42 -0.55
CA MET A 161 -5.56 16.98 -1.47
C MET A 161 -6.09 16.86 -2.88
N TYR A 162 -7.27 16.26 -3.04
CA TYR A 162 -7.94 16.15 -4.36
C TYR A 162 -8.09 17.52 -5.05
N GLU A 163 -8.61 18.49 -4.31
CA GLU A 163 -8.75 19.86 -4.80
C GLU A 163 -7.43 20.47 -5.25
N ARG A 164 -6.41 20.36 -4.40
CA ARG A 164 -5.07 20.84 -4.74
C ARG A 164 -4.51 20.20 -6.02
N LEU A 165 -4.67 18.88 -6.14
CA LEU A 165 -4.08 18.12 -7.25
C LEU A 165 -4.79 18.36 -8.58
N THR A 166 -6.12 18.46 -8.55
CA THR A 166 -6.92 18.70 -9.74
C THR A 166 -6.86 20.17 -10.12
N GLU A 167 -7.13 21.06 -9.17
CA GLU A 167 -7.26 22.50 -9.48
C GLU A 167 -5.94 23.20 -9.73
N HIS A 168 -4.94 22.94 -8.89
CA HIS A 168 -3.66 23.62 -9.00
C HIS A 168 -2.67 22.93 -9.94
N HIS A 169 -2.59 21.61 -9.89
CA HIS A 169 -1.58 20.89 -10.66
C HIS A 169 -2.14 20.36 -12.00
N GLY A 170 -3.43 20.51 -12.23
CA GLY A 170 -4.05 20.00 -13.46
C GLY A 170 -4.04 18.49 -13.59
N LEU A 171 -3.90 17.75 -12.49
CA LEU A 171 -3.93 16.28 -12.55
C LEU A 171 -5.38 15.80 -12.63
N ARG A 172 -5.57 14.68 -13.31
CA ARG A 172 -6.90 14.14 -13.54
C ARG A 172 -7.20 13.14 -12.43
N PRO A 173 -8.50 12.99 -12.06
CA PRO A 173 -8.84 11.98 -11.06
C PRO A 173 -8.16 10.63 -11.30
N GLU A 174 -8.14 10.23 -12.57
CA GLU A 174 -7.61 8.94 -13.00
C GLU A 174 -6.09 8.79 -12.88
N ASP A 175 -5.34 9.89 -12.79
CA ASP A 175 -3.90 9.88 -12.45
C ASP A 175 -3.63 9.44 -10.98
N LEU A 176 -4.67 9.37 -10.14
CA LEU A 176 -4.51 9.39 -8.68
C LEU A 176 -4.97 8.10 -8.00
N LEU A 177 -4.16 7.63 -7.06
CA LEU A 177 -4.49 6.49 -6.21
C LEU A 177 -4.51 6.96 -4.77
N PHE A 178 -5.69 7.10 -4.19
CA PHE A 178 -5.81 7.57 -2.81
C PHE A 178 -5.55 6.43 -1.84
N ASP A 179 -4.57 6.63 -0.97
CA ASP A 179 -4.25 5.66 0.08
C ASP A 179 -4.77 6.19 1.39
N LEU A 180 -5.86 5.57 1.84
CA LEU A 180 -6.58 5.98 3.04
C LEU A 180 -6.10 5.30 4.32
N LEU A 181 -4.98 4.57 4.21
CA LEU A 181 -4.18 4.03 5.34
C LEU A 181 -4.69 2.67 5.82
N THR A 182 -3.75 1.73 5.96
CA THR A 182 -4.04 0.42 6.50
C THR A 182 -3.25 0.24 7.81
N PHE A 183 -3.98 0.13 8.91
CA PHE A 183 -3.44 -0.02 10.26
C PHE A 183 -3.58 -1.46 10.75
N PRO A 184 -2.59 -1.95 11.52
CA PRO A 184 -2.75 -3.28 12.09
C PRO A 184 -3.87 -3.32 13.12
N ILE A 185 -4.90 -4.13 12.85
CA ILE A 185 -6.03 -4.34 13.76
C ILE A 185 -5.81 -5.58 14.65
N THR A 186 -4.55 -5.89 14.93
CA THR A 186 -4.16 -6.97 15.79
C THR A 186 -3.59 -6.28 17.03
N GLN A 187 -3.21 -7.06 18.04
CA GLN A 187 -2.70 -6.53 19.32
C GLN A 187 -3.80 -5.99 20.28
N GLY A 188 -5.07 -6.03 19.87
CA GLY A 188 -6.20 -5.88 20.79
C GLY A 188 -6.51 -4.52 21.40
N ASP A 189 -5.82 -3.47 20.95
CA ASP A 189 -6.04 -2.11 21.48
C ASP A 189 -7.45 -1.66 21.20
N GLU A 190 -8.07 -1.04 22.20
CA GLU A 190 -9.37 -0.43 22.02
C GLU A 190 -9.33 0.45 20.78
N GLU A 191 -8.35 1.35 20.76
CA GLU A 191 -8.22 2.39 19.74
C GLU A 191 -7.99 1.84 18.31
N SER A 192 -7.28 0.72 18.18
CA SER A 192 -6.93 0.20 16.85
C SER A 192 -7.90 -0.83 16.24
N ARG A 193 -8.79 -1.41 17.05
CA ARG A 193 -9.78 -2.41 16.56
C ARG A 193 -10.63 -1.97 15.36
N PRO A 194 -11.20 -0.74 15.38
CA PRO A 194 -12.03 -0.32 14.25
C PRO A 194 -11.32 0.30 13.04
N LEU A 195 -9.98 0.30 12.99
CA LEU A 195 -9.29 1.14 12.00
C LEU A 195 -9.45 0.68 10.55
N ALA A 196 -9.65 -0.61 10.32
CA ALA A 196 -9.81 -1.13 8.96
C ALA A 196 -11.20 -0.83 8.45
N LYS A 197 -12.18 -0.93 9.34
CA LYS A 197 -13.56 -0.50 9.07
C LYS A 197 -13.63 0.96 8.65
N GLU A 198 -12.93 1.81 9.38
CA GLU A 198 -12.91 3.25 9.06
C GLU A 198 -12.44 3.48 7.63
N THR A 199 -11.37 2.79 7.24
CA THR A 199 -10.83 2.92 5.88
C THR A 199 -11.79 2.43 4.81
N LEU A 200 -12.41 1.28 5.06
CA LEU A 200 -13.37 0.69 4.13
C LEU A 200 -14.59 1.57 3.92
N LEU A 201 -15.10 2.12 5.03
CA LEU A 201 -16.26 3.01 4.98
C LEU A 201 -15.89 4.34 4.33
N ALA A 202 -14.73 4.92 4.68
CA ALA A 202 -14.24 6.14 4.00
C ALA A 202 -14.03 5.93 2.50
N MET A 203 -13.55 4.75 2.13
CA MET A 203 -13.30 4.43 0.72
C MET A 203 -14.59 4.45 -0.11
N GLU A 204 -15.64 3.80 0.41
CA GLU A 204 -16.95 3.79 -0.25
C GLU A 204 -17.51 5.19 -0.41
N GLU A 205 -17.41 5.97 0.66
CA GLU A 205 -17.83 7.36 0.63
C GLU A 205 -17.03 8.18 -0.37
N LEU A 206 -15.71 8.02 -0.39
CA LEU A 206 -14.88 8.82 -1.31
C LEU A 206 -15.07 8.41 -2.78
N ARG A 207 -15.38 7.13 -3.02
CA ARG A 207 -15.70 6.64 -4.39
C ARG A 207 -16.85 7.43 -4.99
N GLU A 208 -17.89 7.67 -4.19
CA GLU A 208 -19.05 8.47 -4.61
C GLU A 208 -18.73 9.95 -4.73
N ARG A 209 -18.12 10.50 -3.70
CA ARG A 209 -17.69 11.92 -3.72
C ARG A 209 -16.72 12.28 -4.87
N LEU A 210 -15.79 11.37 -5.20
CA LEU A 210 -14.69 11.64 -6.14
C LEU A 210 -14.71 10.61 -7.26
N PRO A 211 -15.70 10.70 -8.18
CA PRO A 211 -15.76 9.71 -9.27
C PRO A 211 -14.51 9.80 -10.14
N GLY A 212 -13.96 8.64 -10.49
CA GLY A 212 -12.80 8.57 -11.36
C GLY A 212 -11.46 8.37 -10.68
N VAL A 213 -11.34 8.67 -9.37
CA VAL A 213 -10.08 8.41 -8.67
C VAL A 213 -9.94 6.93 -8.38
N GLY A 214 -8.69 6.48 -8.32
CA GLY A 214 -8.37 5.15 -7.85
C GLY A 214 -8.11 5.15 -6.37
N PHE A 215 -8.08 3.93 -5.81
CA PHE A 215 -7.74 3.71 -4.41
C PHE A 215 -6.72 2.59 -4.30
N VAL A 216 -5.72 2.77 -3.43
CA VAL A 216 -4.71 1.75 -3.17
C VAL A 216 -4.52 1.57 -1.66
N LEU A 217 -4.19 0.35 -1.26
CA LEU A 217 -3.84 0.07 0.14
C LEU A 217 -2.66 -0.87 0.21
N GLY A 218 -1.90 -0.72 1.30
CA GLY A 218 -0.87 -1.68 1.68
C GLY A 218 -1.56 -2.75 2.53
N VAL A 219 -2.18 -3.68 1.83
CA VAL A 219 -3.06 -4.71 2.45
C VAL A 219 -2.41 -5.42 3.63
N SER A 220 -1.18 -5.87 3.46
CA SER A 220 -0.47 -6.68 4.47
C SER A 220 -0.27 -6.03 5.84
N ASN A 221 -0.36 -4.71 5.93
CA ASN A 221 -0.28 -4.01 7.22
C ASN A 221 -1.39 -4.44 8.20
N VAL A 222 -2.56 -4.73 7.65
CA VAL A 222 -3.77 -5.05 8.44
C VAL A 222 -3.59 -6.24 9.40
N SER A 223 -2.73 -7.19 9.01
CA SER A 223 -2.53 -8.43 9.73
C SER A 223 -1.19 -8.50 10.48
N PHE A 224 -0.48 -7.38 10.62
CA PHE A 224 0.89 -7.41 11.14
C PHE A 224 0.86 -7.80 12.62
N GLY A 225 1.68 -8.79 12.98
CA GLY A 225 1.68 -9.36 14.33
C GLY A 225 1.09 -10.76 14.46
N LEU A 226 0.37 -11.23 13.45
CA LEU A 226 -0.21 -12.59 13.47
C LEU A 226 0.73 -13.59 12.84
N LYS A 227 0.40 -14.88 13.01
CA LYS A 227 1.13 -15.98 12.39
C LYS A 227 0.83 -16.00 10.89
N PRO A 228 1.77 -16.56 10.08
CA PRO A 228 1.65 -16.49 8.62
C PRO A 228 0.33 -16.93 8.00
N ARG A 229 -0.24 -18.04 8.46
CA ARG A 229 -1.54 -18.53 7.91
C ARG A 229 -2.67 -17.55 8.19
N ALA A 230 -2.76 -17.10 9.43
CA ALA A 230 -3.72 -16.08 9.83
C ALA A 230 -3.56 -14.79 9.00
N ARG A 231 -2.31 -14.38 8.76
CA ARG A 231 -2.03 -13.22 7.90
C ARG A 231 -2.60 -13.39 6.49
N ARG A 232 -2.29 -14.53 5.85
CA ARG A 232 -2.74 -14.76 4.47
C ARG A 232 -4.24 -14.61 4.34
N VAL A 233 -4.97 -15.20 5.29
CA VAL A 233 -6.43 -15.19 5.28
C VAL A 233 -6.96 -13.78 5.52
N LEU A 234 -6.46 -13.10 6.54
CA LEU A 234 -6.96 -11.77 6.87
C LEU A 234 -6.72 -10.79 5.75
N ASN A 235 -5.51 -10.82 5.18
CA ASN A 235 -5.14 -9.97 4.03
C ASN A 235 -6.05 -10.20 2.85
N SER A 236 -6.36 -11.47 2.59
CA SER A 236 -7.13 -11.84 1.41
C SER A 236 -8.58 -11.45 1.54
N VAL A 237 -9.11 -11.51 2.75
CA VAL A 237 -10.50 -11.11 3.00
C VAL A 237 -10.58 -9.59 3.01
N PHE A 238 -9.62 -8.94 3.67
CA PHE A 238 -9.55 -7.47 3.68
C PHE A 238 -9.46 -6.91 2.26
N LEU A 239 -8.61 -7.52 1.46
CA LEU A 239 -8.45 -7.16 0.05
C LEU A 239 -9.77 -7.26 -0.68
N ASP A 240 -10.47 -8.37 -0.48
CA ASP A 240 -11.75 -8.60 -1.12
C ASP A 240 -12.81 -7.60 -0.69
N GLU A 241 -12.87 -7.31 0.61
CA GLU A 241 -13.76 -6.27 1.13
C GLU A 241 -13.43 -4.87 0.62
N ALA A 242 -12.15 -4.58 0.46
CA ALA A 242 -11.73 -3.27 -0.07
C ALA A 242 -12.15 -3.15 -1.53
N ARG A 243 -11.93 -4.21 -2.29
CA ARG A 243 -12.38 -4.30 -3.69
C ARG A 243 -13.86 -3.94 -3.82
N LYS A 244 -14.71 -4.49 -2.95
CA LYS A 244 -16.15 -4.17 -2.97
C LYS A 244 -16.46 -2.70 -2.68
N ARG A 245 -15.61 -2.02 -1.92
CA ARG A 245 -15.75 -0.59 -1.61
C ARG A 245 -15.20 0.34 -2.67
N GLY A 246 -14.52 -0.21 -3.68
CA GLY A 246 -13.96 0.58 -4.77
C GLY A 246 -12.46 0.55 -4.93
N LEU A 247 -11.77 -0.37 -4.24
CA LEU A 247 -10.31 -0.51 -4.39
C LEU A 247 -9.94 -0.83 -5.85
N THR A 248 -8.99 -0.06 -6.39
CA THR A 248 -8.49 -0.25 -7.76
C THR A 248 -7.10 -0.90 -7.81
N ALA A 249 -6.33 -0.77 -6.73
CA ALA A 249 -4.97 -1.29 -6.67
C ALA A 249 -4.62 -1.73 -5.24
N ALA A 250 -3.68 -2.67 -5.12
CA ALA A 250 -3.26 -3.15 -3.83
C ALA A 250 -1.79 -3.44 -3.84
N ILE A 251 -1.10 -3.04 -2.78
CA ILE A 251 0.27 -3.43 -2.56
C ILE A 251 0.19 -4.69 -1.72
N VAL A 252 0.70 -5.79 -2.29
CA VAL A 252 0.48 -7.14 -1.79
C VAL A 252 1.68 -8.05 -2.08
N ASP A 253 1.75 -9.15 -1.34
CA ASP A 253 2.51 -10.33 -1.77
C ASP A 253 1.57 -11.18 -2.66
N ALA A 254 1.68 -10.97 -3.98
CA ALA A 254 0.73 -11.52 -4.97
C ALA A 254 0.58 -13.04 -4.94
N GLY A 255 1.68 -13.73 -4.69
CA GLY A 255 1.67 -15.19 -4.55
C GLY A 255 0.90 -15.71 -3.36
N LYS A 256 0.79 -14.90 -2.30
CA LYS A 256 0.15 -15.28 -1.04
C LYS A 256 -1.25 -14.68 -0.84
N ILE A 257 -1.95 -14.35 -1.94
CA ILE A 257 -3.35 -13.94 -1.88
C ILE A 257 -4.22 -15.16 -2.19
N LEU A 258 -5.05 -15.54 -1.23
CA LEU A 258 -6.00 -16.63 -1.42
C LEU A 258 -7.23 -16.10 -2.11
N PRO A 259 -7.77 -16.84 -3.10
CA PRO A 259 -9.15 -16.53 -3.51
C PRO A 259 -10.12 -16.85 -2.37
N ILE A 260 -11.23 -16.14 -2.31
CA ILE A 260 -12.21 -16.30 -1.22
C ILE A 260 -12.71 -17.74 -1.13
N SER A 261 -13.00 -18.34 -2.30
CA SER A 261 -13.48 -19.73 -2.39
C SER A 261 -12.57 -20.74 -1.69
N GLN A 262 -11.26 -20.46 -1.67
CA GLN A 262 -10.26 -21.31 -1.01
C GLN A 262 -10.09 -21.09 0.50
N ILE A 263 -10.89 -20.20 1.09
CA ILE A 263 -10.81 -19.95 2.52
C ILE A 263 -11.94 -20.73 3.20
N PRO A 264 -11.63 -21.54 4.23
CA PRO A 264 -12.68 -22.25 5.00
C PRO A 264 -13.70 -21.26 5.55
N GLU A 265 -14.98 -21.63 5.51
CA GLU A 265 -16.07 -20.70 5.81
C GLU A 265 -15.96 -20.08 7.20
N GLU A 266 -15.53 -20.88 8.17
CA GLU A 266 -15.33 -20.40 9.54
C GLU A 266 -14.26 -19.30 9.64
N ALA A 267 -13.08 -19.56 9.06
CA ALA A 267 -11.99 -18.58 9.01
C ALA A 267 -12.42 -17.31 8.30
N TYR A 268 -13.14 -17.48 7.19
CA TYR A 268 -13.71 -16.37 6.43
C TYR A 268 -14.65 -15.50 7.28
N ALA A 269 -15.54 -16.14 8.03
CA ALA A 269 -16.53 -15.44 8.86
C ALA A 269 -15.89 -14.75 10.07
N LEU A 270 -14.95 -15.43 10.71
CA LEU A 270 -14.16 -14.82 11.78
C LEU A 270 -13.28 -13.66 11.28
N ALA A 271 -12.81 -13.73 10.03
CA ALA A 271 -12.00 -12.65 9.44
C ALA A 271 -12.83 -11.38 9.25
N LEU A 272 -14.04 -11.56 8.71
CA LEU A 272 -15.02 -10.49 8.60
C LEU A 272 -15.44 -9.91 9.97
N ASP A 273 -15.50 -10.76 11.00
CA ASP A 273 -15.74 -10.28 12.37
C ASP A 273 -14.60 -9.40 12.86
N LEU A 274 -13.36 -9.83 12.66
CA LEU A 274 -12.19 -9.05 13.06
C LEU A 274 -12.11 -7.74 12.27
N ILE A 275 -12.38 -7.78 10.96
CA ILE A 275 -12.29 -6.59 10.11
C ILE A 275 -13.33 -5.57 10.51
N TYR A 276 -14.57 -6.02 10.72
CA TYR A 276 -15.62 -5.08 11.09
C TYR A 276 -15.78 -4.88 12.59
N ASP A 277 -14.86 -5.44 13.39
CA ASP A 277 -14.84 -5.22 14.84
C ASP A 277 -16.19 -5.56 15.46
N ARG A 278 -16.61 -6.81 15.28
CA ARG A 278 -17.89 -7.28 15.80
C ARG A 278 -17.67 -7.93 17.16
N ARG A 279 -17.25 -7.12 18.12
CA ARG A 279 -17.17 -7.55 19.50
C ARG A 279 -18.57 -7.54 20.07
N LYS A 280 -18.92 -8.64 20.71
CA LYS A 280 -20.04 -8.70 21.63
C LYS A 280 -19.49 -9.34 22.89
N GLU A 281 -20.17 -9.14 24.00
CA GLU A 281 -19.73 -9.74 25.23
C GLU A 281 -20.27 -11.16 25.01
N GLY A 282 -19.21 -11.87 25.37
CA GLY A 282 -18.74 -13.19 25.26
C GLY A 282 -17.83 -13.30 24.04
N PHE A 283 -17.41 -12.27 23.29
CA PHE A 283 -16.75 -12.82 22.14
C PHE A 283 -15.80 -11.80 21.58
N ASP A 284 -14.52 -12.14 21.54
CA ASP A 284 -13.48 -11.30 20.94
C ASP A 284 -13.07 -11.91 19.57
N PRO A 285 -13.37 -11.20 18.46
CA PRO A 285 -13.04 -11.79 17.15
C PRO A 285 -11.55 -11.98 16.89
N LEU A 286 -10.71 -11.19 17.54
CA LEU A 286 -9.26 -11.35 17.44
C LEU A 286 -8.82 -12.69 18.03
N LEU A 287 -9.15 -12.93 19.29
CA LEU A 287 -8.82 -14.20 19.95
C LEU A 287 -9.49 -15.38 19.21
N ALA A 288 -10.71 -15.17 18.71
CA ALA A 288 -11.43 -16.22 17.98
C ALA A 288 -10.76 -16.55 16.63
N PHE A 289 -10.23 -15.53 15.96
CA PHE A 289 -9.53 -15.70 14.68
C PHE A 289 -8.20 -16.43 14.84
N MET A 290 -7.44 -16.04 15.85
CA MET A 290 -6.19 -16.73 16.21
C MET A 290 -6.46 -18.15 16.68
N ALA A 291 -7.55 -18.36 17.42
CA ALA A 291 -7.94 -19.69 17.92
C ALA A 291 -8.13 -20.70 16.77
N TYR A 292 -8.79 -20.25 15.69
CA TYR A 292 -9.09 -21.12 14.54
C TYR A 292 -7.84 -21.82 14.03
N PHE A 293 -6.79 -21.04 13.78
CA PHE A 293 -5.46 -21.57 13.39
C PHE A 293 -4.84 -22.06 14.70
N GLU A 294 -3.74 -22.80 14.66
CA GLU A 294 -3.21 -23.49 15.87
C GLU A 294 -4.09 -24.71 16.23
N ALA A 295 -5.41 -24.54 16.17
CA ALA A 295 -6.37 -25.66 16.20
C ALA A 295 -6.95 -26.03 14.82
N HIS A 296 -6.12 -26.02 13.77
CA HIS A 296 -6.51 -26.52 12.43
C HIS A 296 -5.30 -26.81 11.54
C1 GOL B . -5.65 24.67 -3.33
O1 GOL B . -4.34 25.23 -3.25
C2 GOL B . -6.30 25.21 -4.58
O2 GOL B . -5.34 25.13 -5.63
C3 GOL B . -7.53 24.36 -4.88
O3 GOL B . -8.37 24.36 -3.72
H11 GOL B . -6.16 24.90 -2.55
H12 GOL B . -5.61 23.70 -3.37
HO1 GOL B . -3.95 24.94 -2.56
H2 GOL B . -6.58 26.13 -4.49
HO2 GOL B . -5.68 25.42 -6.34
H31 GOL B . -7.27 23.46 -5.12
H32 GOL B . -8.02 24.73 -5.63
HO3 GOL B . -8.30 23.61 -3.33
#